data_6MO9
#
_entry.id   6MO9
#
_cell.length_a   116.003
_cell.length_b   55.629
_cell.length_c   68.340
_cell.angle_alpha   90.00
_cell.angle_beta   95.04
_cell.angle_gamma   90.00
#
_symmetry.space_group_name_H-M   'C 1 2 1'
#
loop_
_entity.id
_entity.type
_entity.pdbx_description
1 polymer 'Bromodomain-containing protein 2'
2 non-polymer N-cyclopentyl-7-(3,5-dimethyl-1,2-oxazol-4-yl)quinoline-5-sulfonamide
3 water water
#
_entity_poly.entity_id   1
_entity_poly.type   'polypeptide(L)'
_entity_poly.pdbx_seq_one_letter_code
;SMKPGRVTNQLQYLHKVVMKALWKHQFAWPFRQPVDAVKLGLPDYHKIIKQPMDMGTIKRRLENNYYWAASECMQDFNTM
FTNCYIYNKPTDDIVLMAQTLEKIFLQKVASMPQEEQELVVTIPKN
;
_entity_poly.pdbx_strand_id   A,B,C
#
# COMPACT_ATOMS: atom_id res chain seq x y z
N ARG A 6 0.50 17.08 -9.23
CA ARG A 6 1.36 17.40 -8.11
C ARG A 6 2.34 16.27 -7.78
N VAL A 7 3.52 16.64 -7.29
CA VAL A 7 4.35 15.68 -6.58
C VAL A 7 4.03 15.82 -5.10
N THR A 8 3.64 14.73 -4.46
CA THR A 8 3.41 14.74 -3.03
C THR A 8 4.17 13.59 -2.37
N ASN A 9 4.37 13.68 -1.07
CA ASN A 9 5.00 12.61 -0.31
C ASN A 9 4.25 11.29 -0.43
N GLN A 10 2.92 11.37 -0.42
CA GLN A 10 2.10 10.17 -0.51
C GLN A 10 2.17 9.51 -1.89
N LEU A 11 2.10 10.33 -2.94
CA LEU A 11 2.26 9.81 -4.29
C LEU A 11 3.64 9.17 -4.49
N GLN A 12 4.68 9.75 -3.91
CA GLN A 12 6.01 9.17 -4.04
C GLN A 12 6.04 7.79 -3.38
N TYR A 13 5.37 7.68 -2.25
CA TYR A 13 5.29 6.42 -1.53
C TYR A 13 4.53 5.39 -2.37
N LEU A 14 3.42 5.80 -2.95
CA LEU A 14 2.66 4.87 -3.79
C LEU A 14 3.51 4.39 -4.96
N HIS A 15 4.36 5.27 -5.47
CA HIS A 15 5.20 4.91 -6.60
C HIS A 15 6.37 4.00 -6.20
N LYS A 16 7.13 4.42 -5.18
CA LYS A 16 8.39 3.74 -4.81
C LYS A 16 8.23 2.54 -3.88
N VAL A 17 7.08 2.43 -3.22
CA VAL A 17 6.85 1.35 -2.28
C VAL A 17 5.72 0.45 -2.77
N VAL A 18 4.58 1.04 -3.07
CA VAL A 18 3.42 0.22 -3.42
C VAL A 18 3.54 -0.34 -4.82
N MET A 19 3.64 0.53 -5.82
CA MET A 19 3.75 0.08 -7.20
C MET A 19 5.00 -0.77 -7.41
N LYS A 20 6.12 -0.37 -6.81
CA LYS A 20 7.33 -1.17 -6.94
C LYS A 20 7.08 -2.62 -6.55
N ALA A 21 6.44 -2.83 -5.39
CA ALA A 21 6.15 -4.17 -4.89
C ALA A 21 5.17 -4.94 -5.77
N LEU A 22 4.11 -4.27 -6.21
CA LEU A 22 3.10 -4.96 -7.02
C LEU A 22 3.56 -5.28 -8.43
N TRP A 23 4.29 -4.35 -9.07
CA TRP A 23 4.68 -4.50 -10.45
C TRP A 23 5.54 -5.75 -10.68
N LYS A 24 6.40 -6.08 -9.72
CA LYS A 24 7.35 -7.18 -9.91
C LYS A 24 6.82 -8.50 -9.37
N HIS A 25 5.63 -8.47 -8.77
CA HIS A 25 5.02 -9.66 -8.19
C HIS A 25 4.76 -10.72 -9.25
N GLN A 26 4.91 -11.99 -8.86
CA GLN A 26 4.74 -13.09 -9.79
C GLN A 26 3.30 -13.20 -10.35
N PHE A 27 2.34 -12.57 -9.69
CA PHE A 27 0.94 -12.60 -10.15
C PHE A 27 0.55 -11.33 -10.89
N ALA A 28 1.51 -10.42 -11.06
CA ALA A 28 1.21 -9.11 -11.63
C ALA A 28 0.96 -9.14 -13.13
N TRP A 29 1.52 -10.14 -13.81
CA TRP A 29 1.53 -10.09 -15.27
C TRP A 29 0.17 -9.85 -15.96
N PRO A 30 -0.93 -10.47 -15.46
CA PRO A 30 -2.18 -10.16 -16.18
C PRO A 30 -2.65 -8.73 -16.00
N PHE A 31 -2.04 -7.99 -15.06
CA PHE A 31 -2.53 -6.66 -14.69
C PHE A 31 -1.59 -5.56 -15.16
N ARG A 32 -0.52 -5.92 -15.86
CA ARG A 32 0.49 -4.95 -16.29
C ARG A 32 0.10 -4.13 -17.52
N GLN A 33 -0.99 -4.50 -18.17
CA GLN A 33 -1.46 -3.80 -19.35
C GLN A 33 -2.96 -3.91 -19.42
N PRO A 34 -3.60 -3.02 -20.19
CA PRO A 34 -5.06 -3.14 -20.20
C PRO A 34 -5.52 -4.50 -20.69
N VAL A 35 -6.66 -4.94 -20.17
CA VAL A 35 -7.35 -6.10 -20.68
C VAL A 35 -7.62 -5.93 -22.18
N ASP A 36 -7.12 -6.87 -22.98
CA ASP A 36 -7.35 -6.84 -24.42
C ASP A 36 -8.49 -7.81 -24.73
N ALA A 37 -9.69 -7.28 -24.94
CA ALA A 37 -10.89 -8.11 -25.10
C ALA A 37 -10.89 -8.95 -26.38
N VAL A 38 -10.19 -8.47 -27.39
CA VAL A 38 -10.10 -9.22 -28.64
C VAL A 38 -9.20 -10.42 -28.42
N LYS A 39 -8.02 -10.17 -27.85
CA LYS A 39 -7.09 -11.23 -27.54
C LYS A 39 -7.70 -12.30 -26.65
N LEU A 40 -8.45 -11.86 -25.63
CA LEU A 40 -8.96 -12.79 -24.63
C LEU A 40 -10.29 -13.44 -25.02
N GLY A 41 -10.91 -12.92 -26.06
CA GLY A 41 -12.18 -13.45 -26.54
C GLY A 41 -13.36 -13.09 -25.65
N LEU A 42 -13.44 -11.80 -25.28
CA LEU A 42 -14.45 -11.30 -24.36
C LEU A 42 -15.19 -10.14 -24.98
N PRO A 43 -16.15 -10.43 -25.87
CA PRO A 43 -16.84 -9.35 -26.58
C PRO A 43 -17.70 -8.49 -25.68
N ASP A 44 -18.01 -8.95 -24.47
CA ASP A 44 -18.85 -8.15 -23.58
C ASP A 44 -18.04 -7.44 -22.50
N TYR A 45 -16.73 -7.62 -22.51
CA TYR A 45 -15.92 -7.02 -21.45
C TYR A 45 -16.20 -5.54 -21.26
N HIS A 46 -16.20 -4.79 -22.35
CA HIS A 46 -16.35 -3.34 -22.25
C HIS A 46 -17.79 -2.91 -22.07
N LYS A 47 -18.70 -3.85 -22.23
CA LYS A 47 -20.10 -3.60 -21.93
C LYS A 47 -20.32 -3.66 -20.42
N ILE A 48 -19.59 -4.55 -19.75
CA ILE A 48 -19.72 -4.73 -18.31
C ILE A 48 -18.80 -3.80 -17.53
N ILE A 49 -17.55 -3.71 -17.97
CA ILE A 49 -16.57 -2.84 -17.29
C ILE A 49 -16.46 -1.51 -18.02
N LYS A 50 -16.97 -0.45 -17.40
CA LYS A 50 -17.07 0.86 -18.05
C LYS A 50 -15.81 1.70 -17.86
N GLN A 51 -15.03 1.40 -16.83
CA GLN A 51 -13.77 2.10 -16.61
C GLN A 51 -12.63 1.12 -16.42
N PRO A 52 -12.03 0.65 -17.53
CA PRO A 52 -10.89 -0.27 -17.43
C PRO A 52 -9.72 0.41 -16.75
N MET A 53 -8.93 -0.37 -16.03
CA MET A 53 -7.74 0.16 -15.40
C MET A 53 -6.72 -0.98 -15.26
N ASP A 54 -5.44 -0.63 -15.23
CA ASP A 54 -4.38 -1.64 -15.14
C ASP A 54 -3.15 -0.97 -14.54
N MET A 55 -2.19 -1.76 -14.12
N MET A 55 -2.18 -1.77 -14.11
CA MET A 55 -1.03 -1.20 -13.43
CA MET A 55 -1.00 -1.24 -13.45
C MET A 55 -0.06 -0.47 -14.36
C MET A 55 -0.14 -0.40 -14.38
N GLY A 56 -0.11 -0.78 -15.65
CA GLY A 56 0.69 -0.07 -16.64
C GLY A 56 0.27 1.39 -16.72
N THR A 57 -1.03 1.59 -16.74
CA THR A 57 -1.62 2.93 -16.78
C THR A 57 -1.33 3.71 -15.50
N ILE A 58 -1.45 3.04 -14.37
CA ILE A 58 -1.20 3.66 -13.08
C ILE A 58 0.29 4.04 -12.97
N LYS A 59 1.17 3.14 -13.39
CA LYS A 59 2.61 3.40 -13.34
C LYS A 59 2.97 4.62 -14.17
N ARG A 60 2.44 4.69 -15.38
CA ARG A 60 2.68 5.82 -16.26
C ARG A 60 2.18 7.11 -15.63
N ARG A 61 0.99 7.07 -15.05
CA ARG A 61 0.44 8.25 -14.36
C ARG A 61 1.29 8.72 -13.19
N LEU A 62 1.86 7.77 -12.44
CA LEU A 62 2.81 8.11 -11.40
C LEU A 62 4.08 8.72 -12.00
N GLU A 63 4.59 8.10 -13.06
CA GLU A 63 5.84 8.54 -13.68
C GLU A 63 5.73 9.94 -14.27
N ASN A 64 4.53 10.28 -14.75
CA ASN A 64 4.31 11.54 -15.45
C ASN A 64 3.62 12.59 -14.60
N ASN A 65 3.54 12.36 -13.30
CA ASN A 65 2.92 13.30 -12.36
C ASN A 65 1.49 13.69 -12.74
N TYR A 66 0.70 12.68 -13.07
CA TYR A 66 -0.67 12.88 -13.53
C TYR A 66 -1.61 13.14 -12.36
N TYR A 67 -1.35 12.49 -11.24
CA TYR A 67 -2.22 12.57 -10.08
C TYR A 67 -2.00 13.86 -9.30
N TRP A 68 -3.09 14.39 -8.74
CA TRP A 68 -3.01 15.55 -7.85
C TRP A 68 -2.95 15.13 -6.38
N ALA A 69 -3.55 13.97 -6.06
CA ALA A 69 -3.54 13.45 -4.69
C ALA A 69 -3.37 11.93 -4.66
N ALA A 70 -2.83 11.41 -3.57
CA ALA A 70 -2.64 9.97 -3.44
C ALA A 70 -3.97 9.21 -3.52
N SER A 71 -5.02 9.80 -2.95
CA SER A 71 -6.32 9.13 -2.95
C SER A 71 -6.79 8.80 -4.37
N GLU A 72 -6.41 9.63 -5.34
CA GLU A 72 -6.78 9.39 -6.75
C GLU A 72 -6.11 8.12 -7.33
N CYS A 73 -4.85 7.95 -6.98
CA CYS A 73 -4.08 6.79 -7.43
C CYS A 73 -4.64 5.55 -6.76
N MET A 74 -4.97 5.68 -5.47
CA MET A 74 -5.55 4.57 -4.71
C MET A 74 -6.86 4.13 -5.33
N GLN A 75 -7.67 5.08 -5.81
CA GLN A 75 -8.92 4.72 -6.47
C GLN A 75 -8.68 3.98 -7.79
N ASP A 76 -7.63 4.33 -8.53
CA ASP A 76 -7.31 3.57 -9.75
C ASP A 76 -6.92 2.13 -9.41
N PHE A 77 -6.07 1.95 -8.39
CA PHE A 77 -5.75 0.58 -7.93
C PHE A 77 -7.05 -0.15 -7.60
N ASN A 78 -7.91 0.51 -6.84
CA ASN A 78 -9.14 -0.09 -6.41
C ASN A 78 -10.02 -0.49 -7.58
N THR A 79 -10.19 0.44 -8.52
CA THR A 79 -10.94 0.13 -9.74
C THR A 79 -10.41 -1.09 -10.50
N MET A 80 -9.09 -1.17 -10.64
CA MET A 80 -8.50 -2.29 -11.35
C MET A 80 -8.91 -3.61 -10.68
N PHE A 81 -8.84 -3.66 -9.35
CA PHE A 81 -9.17 -4.90 -8.64
C PHE A 81 -10.68 -5.13 -8.71
N THR A 82 -11.46 -4.07 -8.50
CA THR A 82 -12.91 -4.24 -8.49
C THR A 82 -13.42 -4.72 -9.85
N ASN A 83 -12.89 -4.16 -10.93
CA ASN A 83 -13.24 -4.62 -12.27
C ASN A 83 -13.07 -6.14 -12.40
N CYS A 84 -11.94 -6.60 -11.88
CA CYS A 84 -11.64 -8.02 -11.96
C CYS A 84 -12.68 -8.87 -11.21
N TYR A 85 -13.05 -8.44 -10.00
CA TYR A 85 -14.00 -9.21 -9.20
C TYR A 85 -15.39 -9.20 -9.82
N ILE A 86 -15.75 -8.07 -10.45
CA ILE A 86 -17.08 -7.92 -11.02
C ILE A 86 -17.22 -8.73 -12.31
N TYR A 87 -16.21 -8.66 -13.17
CA TYR A 87 -16.30 -9.32 -14.47
C TYR A 87 -16.19 -10.84 -14.40
N ASN A 88 -15.22 -11.33 -13.63
CA ASN A 88 -14.85 -12.74 -13.70
C ASN A 88 -15.76 -13.62 -12.83
N LYS A 89 -15.75 -14.92 -13.12
CA LYS A 89 -16.48 -15.88 -12.30
C LYS A 89 -15.77 -16.04 -10.97
N PRO A 90 -16.53 -16.36 -9.91
CA PRO A 90 -16.00 -16.48 -8.54
C PRO A 90 -14.83 -17.47 -8.45
N THR A 91 -14.84 -18.51 -9.26
CA THR A 91 -13.83 -19.55 -9.18
C THR A 91 -12.62 -19.34 -10.10
N ASP A 92 -12.63 -18.26 -10.88
CA ASP A 92 -11.53 -18.02 -11.83
C ASP A 92 -10.24 -17.72 -11.08
N ASP A 93 -9.14 -18.31 -11.53
CA ASP A 93 -7.84 -18.07 -10.91
C ASP A 93 -7.50 -16.59 -10.85
N ILE A 94 -7.98 -15.81 -11.81
CA ILE A 94 -7.57 -14.40 -11.86
C ILE A 94 -8.04 -13.66 -10.60
N VAL A 95 -9.19 -14.08 -10.07
CA VAL A 95 -9.72 -13.49 -8.84
C VAL A 95 -8.77 -13.73 -7.66
N LEU A 96 -8.23 -14.95 -7.57
N LEU A 96 -8.22 -14.94 -7.57
CA LEU A 96 -7.24 -15.25 -6.53
CA LEU A 96 -7.24 -15.25 -6.54
C LEU A 96 -5.98 -14.39 -6.67
C LEU A 96 -5.98 -14.39 -6.67
N MET A 97 -5.54 -14.19 -7.90
CA MET A 97 -4.35 -13.39 -8.17
C MET A 97 -4.60 -11.94 -7.78
N ALA A 98 -5.75 -11.41 -8.16
CA ALA A 98 -6.12 -10.04 -7.76
C ALA A 98 -6.18 -9.89 -6.23
N GLN A 99 -6.79 -10.84 -5.55
N GLN A 99 -6.80 -10.84 -5.55
CA GLN A 99 -6.89 -10.79 -4.09
CA GLN A 99 -6.89 -10.77 -4.10
C GLN A 99 -5.51 -10.75 -3.46
C GLN A 99 -5.50 -10.74 -3.46
N THR A 100 -4.59 -11.55 -3.99
CA THR A 100 -3.22 -11.61 -3.45
C THR A 100 -2.52 -10.26 -3.58
N LEU A 101 -2.68 -9.64 -4.73
CA LEU A 101 -2.06 -8.35 -5.00
C LEU A 101 -2.69 -7.28 -4.13
N GLU A 102 -4.01 -7.35 -4.00
CA GLU A 102 -4.70 -6.29 -3.29
C GLU A 102 -4.41 -6.37 -1.80
N LYS A 103 -4.14 -7.56 -1.29
CA LYS A 103 -3.75 -7.69 0.10
C LYS A 103 -2.45 -6.90 0.35
N ILE A 104 -1.51 -7.01 -0.58
CA ILE A 104 -0.25 -6.27 -0.48
C ILE A 104 -0.50 -4.78 -0.62
N PHE A 105 -1.33 -4.42 -1.59
CA PHE A 105 -1.76 -3.04 -1.71
C PHE A 105 -2.22 -2.50 -0.36
N LEU A 106 -3.13 -3.20 0.33
CA LEU A 106 -3.69 -2.66 1.57
C LEU A 106 -2.66 -2.62 2.67
N GLN A 107 -1.86 -3.68 2.77
CA GLN A 107 -0.81 -3.71 3.77
C GLN A 107 0.10 -2.50 3.61
N LYS A 108 0.46 -2.18 2.37
CA LYS A 108 1.41 -1.09 2.14
C LYS A 108 0.73 0.25 2.38
N VAL A 109 -0.53 0.36 1.96
CA VAL A 109 -1.25 1.60 2.15
C VAL A 109 -1.43 1.97 3.62
N ALA A 110 -1.48 0.96 4.50
CA ALA A 110 -1.62 1.21 5.92
C ALA A 110 -0.42 1.96 6.51
N SER A 111 0.70 1.99 5.79
CA SER A 111 1.92 2.63 6.29
C SER A 111 2.28 3.89 5.51
N MET A 112 1.37 4.34 4.67
CA MET A 112 1.58 5.57 3.91
C MET A 112 1.63 6.77 4.86
N PRO A 113 2.49 7.76 4.56
CA PRO A 113 2.51 9.02 5.31
C PRO A 113 1.10 9.60 5.38
N GLN A 114 0.69 10.09 6.54
CA GLN A 114 -0.73 10.40 6.78
C GLN A 114 -1.18 11.76 6.24
N GLU A 115 -0.32 12.77 6.36
CA GLU A 115 -0.64 14.08 5.82
C GLU A 115 0.02 14.30 4.48
N GLU A 116 -0.80 14.52 3.46
CA GLU A 116 -0.28 14.77 2.13
C GLU A 116 0.24 16.19 2.03
N GLN A 117 1.47 16.31 1.53
CA GLN A 117 2.11 17.61 1.34
C GLN A 117 2.79 17.65 -0.04
N GLU A 118 2.59 18.76 -0.75
CA GLU A 118 3.19 18.92 -2.07
C GLU A 118 4.71 19.15 -1.95
N LEU A 119 5.44 18.80 -3.01
CA LEU A 119 6.88 18.96 -3.03
C LEU A 119 7.32 19.85 -4.20
N THR B 8 -4.62 0.36 18.85
CA THR B 8 -3.64 1.27 18.24
C THR B 8 -4.30 2.59 17.84
N ASN B 9 -3.47 3.59 17.57
CA ASN B 9 -3.96 4.86 17.03
C ASN B 9 -4.71 4.62 15.72
N GLN B 10 -4.16 3.73 14.90
CA GLN B 10 -4.73 3.40 13.59
C GLN B 10 -6.12 2.76 13.72
N LEU B 11 -6.24 1.77 14.60
CA LEU B 11 -7.49 1.05 14.77
C LEU B 11 -8.58 1.95 15.33
N GLN B 12 -8.20 2.84 16.23
N GLN B 12 -8.21 2.84 16.24
CA GLN B 12 -9.14 3.80 16.80
CA GLN B 12 -9.17 3.79 16.78
C GLN B 12 -9.69 4.66 15.67
C GLN B 12 -9.70 4.70 15.68
N TYR B 13 -8.81 5.07 14.76
CA TYR B 13 -9.19 5.86 13.61
C TYR B 13 -10.16 5.08 12.72
N LEU B 14 -9.83 3.82 12.43
CA LEU B 14 -10.71 2.98 11.61
C LEU B 14 -12.09 2.81 12.25
N HIS B 15 -12.11 2.78 13.58
CA HIS B 15 -13.36 2.63 14.33
C HIS B 15 -14.15 3.93 14.38
N LYS B 16 -13.52 5.00 14.85
CA LYS B 16 -14.23 6.23 15.18
C LYS B 16 -14.40 7.18 14.00
N VAL B 17 -13.52 7.06 13.01
CA VAL B 17 -13.61 7.92 11.84
C VAL B 17 -14.15 7.13 10.65
N VAL B 18 -13.40 6.13 10.20
CA VAL B 18 -13.78 5.38 9.00
C VAL B 18 -15.11 4.65 9.17
N MET B 19 -15.22 3.73 10.13
CA MET B 19 -16.44 2.96 10.27
C MET B 19 -17.64 3.84 10.55
N LYS B 20 -17.47 4.85 11.40
N LYS B 20 -17.47 4.85 11.40
CA LYS B 20 -18.57 5.74 11.76
CA LYS B 20 -18.57 5.73 11.75
C LYS B 20 -19.17 6.37 10.51
C LYS B 20 -19.18 6.35 10.48
N ALA B 21 -18.30 6.86 9.63
CA ALA B 21 -18.71 7.49 8.36
C ALA B 21 -19.44 6.51 7.44
N LEU B 22 -18.89 5.32 7.27
CA LEU B 22 -19.51 4.31 6.42
C LEU B 22 -20.85 3.83 6.96
N TRP B 23 -20.90 3.62 8.28
CA TRP B 23 -22.06 3.01 8.90
C TRP B 23 -23.34 3.80 8.66
N LYS B 24 -23.24 5.13 8.70
CA LYS B 24 -24.41 6.01 8.64
C LYS B 24 -24.79 6.34 7.20
N HIS B 25 -23.98 5.90 6.26
CA HIS B 25 -24.21 6.21 4.85
C HIS B 25 -25.55 5.65 4.38
N GLN B 26 -26.20 6.34 3.44
CA GLN B 26 -27.51 5.89 2.96
C GLN B 26 -27.46 4.55 2.24
N PHE B 27 -26.28 4.13 1.81
CA PHE B 27 -26.16 2.84 1.14
C PHE B 27 -25.68 1.72 2.08
N ALA B 28 -25.48 2.02 3.36
CA ALA B 28 -24.83 1.09 4.28
C ALA B 28 -25.72 -0.04 4.80
N TRP B 29 -27.05 0.16 4.76
CA TRP B 29 -27.94 -0.75 5.49
C TRP B 29 -27.79 -2.25 5.14
N PRO B 30 -27.53 -2.58 3.85
CA PRO B 30 -27.41 -4.03 3.59
C PRO B 30 -26.13 -4.64 4.15
N PHE B 31 -25.20 -3.81 4.58
CA PHE B 31 -23.88 -4.25 4.99
C PHE B 31 -23.64 -4.23 6.51
N ARG B 32 -24.66 -3.85 7.27
CA ARG B 32 -24.48 -3.66 8.73
C ARG B 32 -24.57 -4.92 9.56
N GLN B 33 -24.93 -6.02 8.91
CA GLN B 33 -25.07 -7.30 9.58
C GLN B 33 -24.77 -8.37 8.55
N PRO B 34 -24.50 -9.61 8.97
CA PRO B 34 -24.16 -10.63 7.97
C PRO B 34 -25.29 -10.89 6.99
N VAL B 35 -24.94 -11.28 5.78
CA VAL B 35 -25.91 -11.74 4.80
C VAL B 35 -26.64 -12.96 5.37
N ASP B 36 -27.96 -12.88 5.44
CA ASP B 36 -28.78 -13.99 5.92
C ASP B 36 -29.31 -14.77 4.73
N ALA B 37 -28.61 -15.83 4.35
CA ALA B 37 -28.89 -16.53 3.12
C ALA B 37 -30.27 -17.19 3.14
N VAL B 38 -30.73 -17.57 4.33
CA VAL B 38 -32.04 -18.20 4.43
C VAL B 38 -33.14 -17.16 4.23
N LYS B 39 -33.12 -16.09 5.02
CA LYS B 39 -34.12 -15.04 4.89
C LYS B 39 -34.21 -14.49 3.47
N LEU B 40 -33.06 -14.28 2.84
CA LEU B 40 -33.01 -13.66 1.51
C LEU B 40 -33.25 -14.66 0.39
N GLY B 41 -33.27 -15.94 0.72
CA GLY B 41 -33.49 -16.97 -0.28
C GLY B 41 -32.32 -17.13 -1.22
N LEU B 42 -31.13 -17.32 -0.67
CA LEU B 42 -29.92 -17.48 -1.46
C LEU B 42 -29.18 -18.77 -1.08
N PRO B 43 -29.71 -19.92 -1.54
CA PRO B 43 -29.23 -21.25 -1.15
C PRO B 43 -27.77 -21.48 -1.50
N ASP B 44 -27.24 -20.70 -2.44
CA ASP B 44 -25.88 -20.91 -2.92
C ASP B 44 -24.89 -19.88 -2.37
N TYR B 45 -25.36 -18.99 -1.50
CA TYR B 45 -24.50 -17.90 -1.06
C TYR B 45 -23.25 -18.43 -0.38
N HIS B 46 -23.42 -19.40 0.51
CA HIS B 46 -22.28 -19.91 1.25
C HIS B 46 -21.48 -20.95 0.47
N LYS B 47 -22.00 -21.38 -0.69
CA LYS B 47 -21.21 -22.20 -1.59
C LYS B 47 -20.21 -21.33 -2.34
N ILE B 48 -20.62 -20.10 -2.60
CA ILE B 48 -19.82 -19.15 -3.39
C ILE B 48 -18.92 -18.28 -2.51
N ILE B 49 -19.51 -17.73 -1.46
CA ILE B 49 -18.76 -16.91 -0.50
C ILE B 49 -18.31 -17.76 0.70
N LYS B 50 -17.01 -18.00 0.80
CA LYS B 50 -16.46 -18.88 1.83
C LYS B 50 -16.04 -18.14 3.10
N GLN B 51 -15.84 -16.82 3.01
N GLN B 51 -15.84 -16.82 3.01
CA GLN B 51 -15.57 -16.01 4.18
CA GLN B 51 -15.56 -16.01 4.19
C GLN B 51 -16.47 -14.79 4.25
C GLN B 51 -16.47 -14.79 4.26
N PRO B 52 -17.69 -14.99 4.77
CA PRO B 52 -18.64 -13.88 4.94
C PRO B 52 -18.03 -12.78 5.81
N MET B 53 -18.36 -11.54 5.49
CA MET B 53 -17.92 -10.41 6.32
C MET B 53 -18.92 -9.28 6.17
N ASP B 54 -19.04 -8.47 7.22
CA ASP B 54 -19.99 -7.36 7.23
C ASP B 54 -19.48 -6.33 8.23
N MET B 55 -20.03 -5.12 8.18
N MET B 55 -20.02 -5.13 8.15
CA MET B 55 -19.53 -4.05 9.05
CA MET B 55 -19.56 -4.05 9.03
C MET B 55 -19.87 -4.27 10.52
C MET B 55 -19.81 -4.37 10.50
N GLY B 56 -20.92 -5.03 10.78
CA GLY B 56 -21.31 -5.35 12.15
C GLY B 56 -20.26 -6.23 12.80
N THR B 57 -19.84 -7.25 12.08
CA THR B 57 -18.76 -8.13 12.54
C THR B 57 -17.45 -7.34 12.76
N ILE B 58 -17.08 -6.51 11.79
CA ILE B 58 -15.87 -5.69 11.89
C ILE B 58 -15.97 -4.74 13.09
N LYS B 59 -17.13 -4.14 13.29
CA LYS B 59 -17.32 -3.20 14.39
C LYS B 59 -17.10 -3.92 15.74
N ARG B 60 -17.70 -5.09 15.87
CA ARG B 60 -17.56 -5.87 17.09
C ARG B 60 -16.10 -6.25 17.31
N ARG B 61 -15.42 -6.66 16.24
CA ARG B 61 -14.00 -6.98 16.31
C ARG B 61 -13.18 -5.78 16.79
N LEU B 62 -13.51 -4.59 16.31
CA LEU B 62 -12.85 -3.39 16.77
C LEU B 62 -13.12 -3.17 18.25
N GLU B 63 -14.36 -3.37 18.67
CA GLU B 63 -14.73 -3.12 20.06
C GLU B 63 -14.05 -4.10 21.02
N ASN B 64 -13.81 -5.33 20.56
CA ASN B 64 -13.26 -6.38 21.42
C ASN B 64 -11.75 -6.56 21.28
N ASN B 65 -11.09 -5.58 20.65
CA ASN B 65 -9.65 -5.64 20.44
C ASN B 65 -9.22 -6.94 19.78
N TYR B 66 -9.96 -7.36 18.75
CA TYR B 66 -9.63 -8.59 18.03
C TYR B 66 -8.42 -8.39 17.13
N TYR B 67 -8.29 -7.18 16.60
CA TYR B 67 -7.24 -6.88 15.64
C TYR B 67 -5.92 -6.58 16.32
N TRP B 68 -4.84 -7.01 15.69
CA TRP B 68 -3.49 -6.72 16.16
C TRP B 68 -2.92 -5.53 15.37
N ALA B 69 -3.43 -5.32 14.15
CA ALA B 69 -2.93 -4.26 13.29
C ALA B 69 -4.03 -3.69 12.39
N ALA B 70 -3.88 -2.43 12.00
CA ALA B 70 -4.85 -1.77 11.13
C ALA B 70 -5.07 -2.53 9.82
N SER B 71 -3.99 -3.03 9.23
N SER B 71 -3.99 -3.03 9.23
CA SER B 71 -4.08 -3.73 7.95
CA SER B 71 -4.09 -3.72 7.93
C SER B 71 -5.04 -4.91 8.03
C SER B 71 -5.03 -4.92 8.02
N GLU B 72 -5.09 -5.55 9.19
CA GLU B 72 -5.98 -6.71 9.39
C GLU B 72 -7.45 -6.30 9.28
N CYS B 73 -7.76 -5.15 9.86
CA CYS B 73 -9.11 -4.61 9.81
C CYS B 73 -9.42 -4.18 8.37
N MET B 74 -8.46 -3.53 7.73
CA MET B 74 -8.60 -3.13 6.34
C MET B 74 -8.86 -4.35 5.45
N GLN B 75 -8.22 -5.47 5.77
N GLN B 75 -8.21 -5.47 5.75
CA GLN B 75 -8.44 -6.69 5.01
CA GLN B 75 -8.44 -6.69 5.00
C GLN B 75 -9.89 -7.17 5.14
C GLN B 75 -9.90 -7.15 5.13
N ASP B 76 -10.45 -7.05 6.34
CA ASP B 76 -11.84 -7.47 6.56
C ASP B 76 -12.80 -6.56 5.76
N PHE B 77 -12.56 -5.25 5.78
CA PHE B 77 -13.36 -4.36 4.94
C PHE B 77 -13.30 -4.83 3.50
N ASN B 78 -12.09 -5.10 3.02
CA ASN B 78 -11.92 -5.54 1.65
C ASN B 78 -12.66 -6.85 1.34
N THR B 79 -12.62 -7.81 2.26
CA THR B 79 -13.35 -9.04 2.05
C THR B 79 -14.85 -8.79 1.92
N MET B 80 -15.38 -7.92 2.76
CA MET B 80 -16.80 -7.58 2.66
C MET B 80 -17.16 -7.06 1.27
N PHE B 81 -16.40 -6.10 0.75
CA PHE B 81 -16.73 -5.55 -0.58
C PHE B 81 -16.50 -6.57 -1.68
N THR B 82 -15.37 -7.28 -1.60
N THR B 82 -15.37 -7.28 -1.60
CA THR B 82 -15.04 -8.28 -2.61
CA THR B 82 -15.04 -8.28 -2.62
C THR B 82 -16.12 -9.35 -2.71
C THR B 82 -16.10 -9.37 -2.71
N ASN B 83 -16.58 -9.83 -1.56
CA ASN B 83 -17.65 -10.82 -1.53
C ASN B 83 -18.85 -10.33 -2.33
N CYS B 84 -19.19 -9.07 -2.13
CA CYS B 84 -20.33 -8.47 -2.81
C CYS B 84 -20.15 -8.53 -4.34
N TYR B 85 -18.96 -8.15 -4.81
CA TYR B 85 -18.69 -8.11 -6.24
C TYR B 85 -18.67 -9.51 -6.84
N ILE B 86 -18.20 -10.46 -6.05
CA ILE B 86 -18.07 -11.83 -6.53
C ILE B 86 -19.40 -12.54 -6.64
N TYR B 87 -20.25 -12.38 -5.63
CA TYR B 87 -21.52 -13.09 -5.60
C TYR B 87 -22.59 -12.50 -6.51
N ASN B 88 -22.70 -11.18 -6.52
CA ASN B 88 -23.80 -10.52 -7.23
C ASN B 88 -23.57 -10.31 -8.71
N LYS B 89 -24.65 -10.04 -9.44
CA LYS B 89 -24.54 -9.73 -10.87
C LYS B 89 -23.96 -8.34 -11.03
N PRO B 90 -23.15 -8.12 -12.07
CA PRO B 90 -22.54 -6.82 -12.26
C PRO B 90 -23.56 -5.69 -12.30
N THR B 91 -24.76 -5.98 -12.81
CA THR B 91 -25.81 -4.97 -12.95
C THR B 91 -26.69 -4.76 -11.71
N ASP B 92 -26.44 -5.51 -10.64
CA ASP B 92 -27.25 -5.35 -9.41
C ASP B 92 -26.96 -4.04 -8.72
N ASP B 93 -28.00 -3.38 -8.19
CA ASP B 93 -27.81 -2.15 -7.43
C ASP B 93 -26.82 -2.33 -6.28
N ILE B 94 -26.84 -3.49 -5.63
CA ILE B 94 -25.98 -3.71 -4.47
C ILE B 94 -24.50 -3.50 -4.84
N VAL B 95 -24.14 -3.81 -6.08
CA VAL B 95 -22.77 -3.64 -6.52
C VAL B 95 -22.38 -2.17 -6.56
N LEU B 96 -23.29 -1.35 -7.07
N LEU B 96 -23.27 -1.33 -7.08
CA LEU B 96 -23.09 0.11 -7.10
CA LEU B 96 -23.03 0.12 -7.08
C LEU B 96 -22.94 0.68 -5.69
C LEU B 96 -22.92 0.67 -5.67
N MET B 97 -23.75 0.15 -4.77
CA MET B 97 -23.77 0.59 -3.37
C MET B 97 -22.44 0.26 -2.69
N ALA B 98 -21.96 -0.97 -2.91
CA ALA B 98 -20.63 -1.36 -2.43
C ALA B 98 -19.53 -0.47 -3.02
N GLN B 99 -19.54 -0.25 -4.34
CA GLN B 99 -18.53 0.58 -4.99
C GLN B 99 -18.46 1.95 -4.33
N THR B 100 -19.63 2.53 -4.07
CA THR B 100 -19.69 3.84 -3.43
C THR B 100 -19.08 3.83 -2.03
N LEU B 101 -19.46 2.85 -1.23
CA LEU B 101 -18.93 2.76 0.13
C LEU B 101 -17.43 2.49 0.11
N GLU B 102 -17.00 1.63 -0.79
CA GLU B 102 -15.58 1.26 -0.87
C GLU B 102 -14.74 2.50 -1.21
N LYS B 103 -15.26 3.35 -2.09
CA LYS B 103 -14.52 4.56 -2.44
C LYS B 103 -14.37 5.47 -1.23
N ILE B 104 -15.42 5.55 -0.41
CA ILE B 104 -15.34 6.34 0.82
C ILE B 104 -14.31 5.74 1.76
N PHE B 105 -14.37 4.43 1.92
CA PHE B 105 -13.39 3.72 2.76
C PHE B 105 -11.96 4.12 2.39
N LEU B 106 -11.62 4.10 1.10
CA LEU B 106 -10.26 4.35 0.68
C LEU B 106 -9.85 5.81 0.86
N GLN B 107 -10.79 6.72 0.61
N GLN B 107 -10.79 6.73 0.62
CA GLN B 107 -10.54 8.14 0.80
CA GLN B 107 -10.53 8.15 0.81
C GLN B 107 -10.17 8.42 2.24
C GLN B 107 -10.16 8.42 2.26
N LYS B 108 -10.93 7.85 3.17
CA LYS B 108 -10.70 8.03 4.59
C LYS B 108 -9.41 7.33 5.04
N VAL B 109 -9.14 6.15 4.50
CA VAL B 109 -7.92 5.44 4.84
C VAL B 109 -6.66 6.21 4.42
N ALA B 110 -6.79 7.04 3.38
CA ALA B 110 -5.67 7.85 2.92
C ALA B 110 -5.17 8.81 4.00
N SER B 111 -6.05 9.14 4.95
CA SER B 111 -5.72 10.09 6.01
C SER B 111 -5.52 9.43 7.37
N MET B 112 -5.49 8.10 7.39
CA MET B 112 -5.24 7.36 8.62
C MET B 112 -3.86 7.69 9.18
N PRO B 113 -3.75 7.80 10.51
CA PRO B 113 -2.48 8.16 11.12
C PRO B 113 -1.33 7.20 10.90
N GLN B 114 -0.13 7.78 10.92
CA GLN B 114 1.08 7.07 11.24
C GLN B 114 0.88 6.48 12.63
N THR C 8 36.75 -9.65 9.60
CA THR C 8 35.50 -9.32 8.93
C THR C 8 34.31 -9.56 9.87
N ASN C 9 34.58 -9.80 11.14
CA ASN C 9 33.52 -10.04 12.10
C ASN C 9 32.70 -8.78 12.38
N GLN C 10 33.39 -7.64 12.45
CA GLN C 10 32.73 -6.34 12.57
C GLN C 10 31.89 -6.06 11.32
N LEU C 11 32.53 -6.20 10.16
CA LEU C 11 31.83 -6.00 8.88
C LEU C 11 30.69 -6.99 8.69
N GLN C 12 30.95 -8.26 8.96
CA GLN C 12 29.92 -9.28 8.83
C GLN C 12 28.73 -8.92 9.71
N TYR C 13 29.01 -8.26 10.83
CA TYR C 13 27.98 -7.84 11.76
C TYR C 13 27.18 -6.68 11.18
N LEU C 14 27.89 -5.69 10.66
CA LEU C 14 27.22 -4.56 10.02
C LEU C 14 26.33 -5.00 8.88
N HIS C 15 26.78 -6.00 8.12
CA HIS C 15 25.98 -6.52 7.01
C HIS C 15 24.79 -7.34 7.49
N LYS C 16 25.06 -8.36 8.29
CA LYS C 16 24.03 -9.34 8.66
C LYS C 16 23.09 -8.90 9.78
N VAL C 17 23.54 -7.97 10.62
CA VAL C 17 22.66 -7.45 11.66
C VAL C 17 22.19 -6.03 11.35
N VAL C 18 23.14 -5.12 11.20
CA VAL C 18 22.79 -3.70 11.09
C VAL C 18 22.00 -3.44 9.82
N MET C 19 22.58 -3.74 8.67
CA MET C 19 21.91 -3.48 7.39
C MET C 19 20.61 -4.28 7.28
N LYS C 20 20.63 -5.53 7.73
CA LYS C 20 19.42 -6.35 7.68
C LYS C 20 18.21 -5.64 8.29
N ALA C 21 18.41 -5.02 9.44
CA ALA C 21 17.33 -4.33 10.13
C ALA C 21 16.91 -3.06 9.39
N LEU C 22 17.90 -2.24 9.03
CA LEU C 22 17.62 -0.93 8.45
C LEU C 22 16.97 -1.02 7.08
N TRP C 23 17.47 -1.95 6.26
CA TRP C 23 16.99 -2.11 4.89
C TRP C 23 15.48 -2.36 4.80
N LYS C 24 14.96 -3.19 5.70
CA LYS C 24 13.54 -3.54 5.69
C LYS C 24 12.64 -2.55 6.45
N HIS C 25 13.25 -1.69 7.26
CA HIS C 25 12.48 -0.74 8.08
C HIS C 25 11.54 0.05 7.20
N GLN C 26 10.38 0.39 7.72
CA GLN C 26 9.36 1.08 6.91
C GLN C 26 9.82 2.46 6.42
N PHE C 27 10.80 3.05 7.10
CA PHE C 27 11.28 4.38 6.75
C PHE C 27 12.44 4.35 5.77
N ALA C 28 12.88 3.14 5.42
CA ALA C 28 14.07 2.97 4.58
C ALA C 28 13.92 3.45 3.13
N TRP C 29 12.72 3.37 2.57
CA TRP C 29 12.56 3.58 1.13
C TRP C 29 13.25 4.80 0.46
N PRO C 30 13.21 6.00 1.09
CA PRO C 30 13.89 7.11 0.42
C PRO C 30 15.42 6.99 0.47
N PHE C 31 15.91 6.07 1.29
CA PHE C 31 17.37 5.89 1.47
C PHE C 31 17.92 4.69 0.70
N ARG C 32 17.07 3.95 0.00
CA ARG C 32 17.52 2.71 -0.62
C ARG C 32 18.29 2.87 -1.93
N GLN C 33 18.33 4.09 -2.46
CA GLN C 33 19.13 4.38 -3.64
C GLN C 33 19.62 5.82 -3.54
N PRO C 34 20.63 6.15 -4.37
CA PRO C 34 21.18 7.50 -4.36
C PRO C 34 20.11 8.55 -4.62
N VAL C 35 20.27 9.71 -3.97
CA VAL C 35 19.41 10.85 -4.23
C VAL C 35 19.57 11.25 -5.70
N ASP C 36 18.46 11.33 -6.42
CA ASP C 36 18.49 11.73 -7.83
C ASP C 36 18.10 13.20 -7.92
N ALA C 37 19.10 14.07 -7.91
CA ALA C 37 18.91 15.52 -7.85
C ALA C 37 18.15 16.05 -9.06
N VAL C 38 18.26 15.35 -10.18
CA VAL C 38 17.54 15.73 -11.38
C VAL C 38 16.05 15.41 -11.29
N LYS C 39 15.75 14.15 -11.02
CA LYS C 39 14.37 13.70 -10.92
C LYS C 39 13.62 14.42 -9.81
N LEU C 40 14.34 14.81 -8.76
CA LEU C 40 13.72 15.43 -7.60
C LEU C 40 13.73 16.96 -7.67
N GLY C 41 14.30 17.50 -8.75
CA GLY C 41 14.37 18.94 -8.94
C GLY C 41 15.17 19.66 -7.86
N LEU C 42 16.37 19.16 -7.59
CA LEU C 42 17.23 19.70 -6.55
C LEU C 42 18.57 20.17 -7.13
N PRO C 43 18.54 21.25 -7.95
CA PRO C 43 19.74 21.68 -8.68
C PRO C 43 20.92 21.93 -7.75
N ASP C 44 20.64 22.32 -6.51
CA ASP C 44 21.71 22.66 -5.57
C ASP C 44 22.19 21.45 -4.76
N TYR C 45 21.52 20.31 -4.90
CA TYR C 45 21.88 19.15 -4.08
C TYR C 45 23.37 18.88 -4.11
N HIS C 46 23.95 18.72 -5.30
CA HIS C 46 25.36 18.40 -5.38
C HIS C 46 26.28 19.60 -5.19
N LYS C 47 25.70 20.79 -5.19
CA LYS C 47 26.43 21.99 -4.82
C LYS C 47 26.60 22.04 -3.30
N ILE C 48 25.56 21.61 -2.58
CA ILE C 48 25.60 21.58 -1.11
C ILE C 48 26.22 20.29 -0.57
N ILE C 49 25.75 19.14 -1.01
CA ILE C 49 26.27 17.85 -0.56
C ILE C 49 27.43 17.38 -1.43
N LYS C 50 28.62 17.27 -0.85
CA LYS C 50 29.82 16.99 -1.64
C LYS C 50 30.11 15.49 -1.75
N GLN C 51 29.51 14.70 -0.86
N GLN C 51 29.46 14.70 -0.89
CA GLN C 51 29.75 13.26 -0.82
CA GLN C 51 29.74 13.27 -0.79
C GLN C 51 28.47 12.47 -0.55
C GLN C 51 28.46 12.47 -0.54
N PRO C 52 27.66 12.26 -1.59
CA PRO C 52 26.39 11.53 -1.48
C PRO C 52 26.61 10.10 -0.98
N MET C 53 25.60 9.54 -0.31
CA MET C 53 25.64 8.17 0.15
C MET C 53 24.22 7.69 0.44
N ASP C 54 24.01 6.38 0.33
CA ASP C 54 22.68 5.80 0.48
C ASP C 54 22.84 4.33 0.88
N MET C 55 21.74 3.71 1.32
CA MET C 55 21.79 2.33 1.79
C MET C 55 22.00 1.30 0.69
N GLY C 56 21.55 1.61 -0.53
CA GLY C 56 21.79 0.74 -1.68
C GLY C 56 23.28 0.57 -1.91
N THR C 57 23.99 1.70 -1.97
CA THR C 57 25.44 1.67 -2.13
C THR C 57 26.14 0.95 -0.99
N ILE C 58 25.74 1.23 0.25
CA ILE C 58 26.34 0.53 1.40
C ILE C 58 26.10 -0.98 1.35
N LYS C 59 24.88 -1.35 1.01
CA LYS C 59 24.48 -2.76 0.96
C LYS C 59 25.30 -3.51 -0.10
N ARG C 60 25.44 -2.90 -1.26
CA ARG C 60 26.24 -3.49 -2.33
C ARG C 60 27.69 -3.63 -1.88
N ARG C 61 28.20 -2.62 -1.18
CA ARG C 61 29.59 -2.67 -0.73
C ARG C 61 29.82 -3.78 0.28
N LEU C 62 28.85 -3.98 1.16
CA LEU C 62 28.94 -5.06 2.13
C LEU C 62 28.91 -6.39 1.41
N GLU C 63 28.00 -6.51 0.45
CA GLU C 63 27.87 -7.75 -0.32
C GLU C 63 29.15 -8.08 -1.07
N ASN C 64 29.81 -7.06 -1.61
CA ASN C 64 30.98 -7.29 -2.46
C ASN C 64 32.34 -7.14 -1.77
N ASN C 65 32.36 -7.14 -0.44
CA ASN C 65 33.63 -7.12 0.29
C ASN C 65 34.42 -5.83 0.12
N TYR C 66 33.73 -4.75 -0.22
CA TYR C 66 34.36 -3.46 -0.45
C TYR C 66 35.15 -2.93 0.77
N TYR C 67 34.59 -3.10 1.96
CA TYR C 67 35.14 -2.48 3.17
C TYR C 67 36.30 -3.28 3.82
N TRP C 68 37.33 -2.55 4.28
CA TRP C 68 38.41 -3.16 5.07
C TRP C 68 38.13 -3.08 6.56
N ALA C 69 37.57 -1.95 6.98
CA ALA C 69 37.34 -1.67 8.39
C ALA C 69 35.89 -1.29 8.63
N ALA C 70 35.35 -1.67 9.78
CA ALA C 70 34.03 -1.21 10.19
C ALA C 70 33.96 0.32 10.10
N SER C 71 35.00 0.99 10.58
CA SER C 71 35.03 2.44 10.54
C SER C 71 34.52 2.99 9.20
N GLU C 72 34.88 2.37 8.09
CA GLU C 72 34.55 2.92 6.77
C GLU C 72 33.05 2.84 6.48
N CYS C 73 32.47 1.71 6.84
CA CYS C 73 31.06 1.46 6.65
C CYS C 73 30.26 2.40 7.55
N MET C 74 30.77 2.59 8.77
CA MET C 74 30.11 3.45 9.73
C MET C 74 30.13 4.88 9.25
N GLN C 75 31.26 5.29 8.66
CA GLN C 75 31.34 6.66 8.16
C GLN C 75 30.32 6.83 7.03
N ASP C 76 30.11 5.76 6.25
CA ASP C 76 29.15 5.85 5.14
C ASP C 76 27.71 6.01 5.64
N PHE C 77 27.30 5.17 6.59
CA PHE C 77 26.01 5.38 7.25
C PHE C 77 25.92 6.79 7.81
N ASN C 78 26.96 7.23 8.50
CA ASN C 78 26.95 8.56 9.08
C ASN C 78 26.75 9.63 8.02
N THR C 79 27.49 9.53 6.93
CA THR C 79 27.41 10.49 5.84
C THR C 79 26.00 10.53 5.26
N MET C 80 25.39 9.37 5.08
CA MET C 80 24.03 9.32 4.53
C MET C 80 23.07 10.11 5.41
N PHE C 81 23.14 9.88 6.71
CA PHE C 81 22.24 10.58 7.66
C PHE C 81 22.58 12.05 7.71
N THR C 82 23.86 12.36 7.87
CA THR C 82 24.29 13.74 7.95
C THR C 82 23.92 14.55 6.72
N ASN C 83 24.15 13.99 5.54
CA ASN C 83 23.74 14.67 4.32
C ASN C 83 22.28 15.03 4.42
N CYS C 84 21.49 14.07 4.91
CA CYS C 84 20.03 14.27 4.97
C CYS C 84 19.70 15.45 5.89
N TYR C 85 20.33 15.48 7.06
CA TYR C 85 20.03 16.53 8.04
C TYR C 85 20.50 17.88 7.52
N ILE C 86 21.64 17.88 6.84
CA ILE C 86 22.22 19.14 6.39
C ILE C 86 21.41 19.73 5.26
N TYR C 87 21.05 18.90 4.28
CA TYR C 87 20.41 19.42 3.10
C TYR C 87 18.95 19.83 3.33
N ASN C 88 18.21 19.07 4.12
CA ASN C 88 16.77 19.28 4.26
C ASN C 88 16.36 20.27 5.35
N LYS C 89 15.09 20.66 5.33
CA LYS C 89 14.56 21.57 6.34
C LYS C 89 14.24 20.82 7.63
N PRO C 90 14.44 21.47 8.78
CA PRO C 90 14.26 20.80 10.08
C PRO C 90 12.90 20.15 10.18
N THR C 91 11.90 20.78 9.57
CA THR C 91 10.52 20.34 9.66
C THR C 91 10.17 19.24 8.67
N ASP C 92 11.01 19.05 7.66
CA ASP C 92 10.75 18.02 6.65
C ASP C 92 10.60 16.63 7.25
N ASP C 93 9.70 15.84 6.68
CA ASP C 93 9.46 14.49 7.17
C ASP C 93 10.66 13.56 6.96
N ILE C 94 11.40 13.77 5.88
CA ILE C 94 12.58 12.93 5.61
C ILE C 94 13.54 12.98 6.80
N VAL C 95 13.54 14.13 7.48
CA VAL C 95 14.41 14.34 8.65
C VAL C 95 14.04 13.46 9.83
N LEU C 96 12.75 13.37 10.15
CA LEU C 96 12.32 12.46 11.23
C LEU C 96 12.60 11.00 10.87
N MET C 97 12.44 10.68 9.59
CA MET C 97 12.70 9.33 9.14
C MET C 97 14.16 8.95 9.37
N ALA C 98 15.06 9.87 9.01
CA ALA C 98 16.49 9.65 9.23
C ALA C 98 16.82 9.53 10.73
N GLN C 99 16.22 10.37 11.57
CA GLN C 99 16.53 10.32 13.01
C GLN C 99 16.21 8.95 13.56
N THR C 100 15.06 8.43 13.16
CA THR C 100 14.60 7.12 13.59
C THR C 100 15.57 6.03 13.17
N LEU C 101 15.96 6.05 11.89
CA LEU C 101 16.86 5.02 11.37
C LEU C 101 18.21 5.10 12.05
N GLU C 102 18.71 6.32 12.25
CA GLU C 102 20.05 6.56 12.79
C GLU C 102 20.16 6.04 14.22
N LYS C 103 19.08 6.20 14.97
CA LYS C 103 19.08 5.75 16.36
C LYS C 103 19.29 4.24 16.46
N ILE C 104 18.62 3.49 15.60
CA ILE C 104 18.88 2.04 15.47
C ILE C 104 20.32 1.72 15.03
N PHE C 105 20.76 2.36 13.95
CA PHE C 105 22.14 2.21 13.52
C PHE C 105 23.07 2.34 14.72
N LEU C 106 22.90 3.41 15.51
CA LEU C 106 23.80 3.68 16.63
C LEU C 106 23.70 2.64 17.72
N GLN C 107 22.48 2.23 18.02
CA GLN C 107 22.27 1.22 19.04
C GLN C 107 22.98 -0.08 18.63
N LYS C 108 22.78 -0.47 17.38
CA LYS C 108 23.35 -1.71 16.90
C LYS C 108 24.87 -1.63 16.89
N VAL C 109 25.40 -0.44 16.59
CA VAL C 109 26.85 -0.26 16.55
C VAL C 109 27.49 -0.47 17.92
N ALA C 110 26.81 -0.04 18.97
CA ALA C 110 27.30 -0.17 20.34
C ALA C 110 27.58 -1.65 20.70
N SER C 111 26.84 -2.54 20.06
CA SER C 111 26.91 -3.97 20.40
C SER C 111 27.68 -4.76 19.34
N MET C 112 28.31 -4.03 18.42
CA MET C 112 29.13 -4.63 17.38
C MET C 112 30.43 -5.17 17.99
N PRO C 113 30.96 -6.28 17.43
CA PRO C 113 32.26 -6.78 17.87
C PRO C 113 33.39 -5.80 17.53
#